data_3ZQZ
#
_entry.id   3ZQZ
#
_cell.length_a   173.797
_cell.length_b   173.797
_cell.length_c   100.795
_cell.angle_alpha   90.00
_cell.angle_beta   90.00
_cell.angle_gamma   120.00
#
_symmetry.space_group_name_H-M   'H 3'
#
loop_
_entity.id
_entity.type
_entity.pdbx_description
1 polymer 'ANGIOTENSIN-CONVERTING ENZYME'
2 branched beta-D-mannopyranose-(1-6)-alpha-D-mannopyranose-(1-3)-[alpha-D-mannopyranose-(1-6)]beta-D-mannopyranose-(1-4)-2-acetamido-2-deoxy-beta-D-glucopyranose-(1-4)-2-acetamido-2-deoxy-beta-D-glucopyranose
3 non-polymer 'ZINC ION'
4 non-polymer 2-acetamido-2-deoxy-beta-D-glucopyranose
5 non-polymer SELENO-CAPTOPRIL
6 water water
#
_entity_poly.entity_id   1
_entity_poly.type   'polypeptide(L)'
_entity_poly.pdbx_seq_one_letter_code
;ALVKEEIQAKEYLENLNKELAKRTNVETEAAWAYGSNITDENEKKKNEISAELAKFMKEVASDTTKFQWRSYQSEDLKRQ
FKALTKLGYAALPEDDYAELLDTLSAMESNFAKVKVCDYKDSTKCDLALDPEIEEVISKSRDHEELAYYWREFYDKAGTA
VRSQFERYVELNTKAAKLNNFTSGAEAWLDEYEDDTFEQQLEDIFADIRPLYQQIHGYVRFRLRKHYGDAVVSETGPIPM
HLLGNMWAQQWSEIADIVSPFPEKPLVDVSAEMEKQGYTPLKMFQMGDDFFTSMNLTKLPQDFWDKSIIEKPTDGRDLVC
HASAWDFYLTDDVRIKQCTRVTQDQLFTVHHELGHIQYFLQYQHQPFVYRTGANPGFHEAVGDVLSLSVSTPKHLEKIGL
LKDYVRDDEARINQLFLTALDKIVFLPFAFTMDKYRWSLFRGEVDKANWNCAFWKLRDEYSGIEPPVVRSEKDFDAPAKY
HISADVEYLRYLVSFIIQFQFYKSACIKAGQYDPDNVELPLDNCDIYGSAAAGAAFHNMLSMGASKPWPDALEAFNGERI
MSGKAIAEYFEPLRVWLEAENIKNNVHIGWTTSNKCVS
;
_entity_poly.pdbx_strand_id   A
#
# COMPACT_ATOMS: atom_id res chain seq x y z
N VAL A 3 38.48 5.34 -16.76
CA VAL A 3 39.26 5.59 -15.50
C VAL A 3 39.43 7.11 -15.20
N LYS A 4 40.21 7.82 -16.04
CA LYS A 4 40.40 9.29 -15.88
C LYS A 4 39.23 10.11 -16.47
N GLU A 5 38.41 9.44 -17.28
CA GLU A 5 37.19 9.99 -17.85
C GLU A 5 36.17 10.31 -16.74
N GLU A 6 36.40 9.76 -15.55
CA GLU A 6 35.44 9.84 -14.45
C GLU A 6 35.29 11.23 -13.87
N ILE A 7 36.33 12.05 -14.03
CA ILE A 7 36.28 13.42 -13.55
C ILE A 7 35.22 14.22 -14.33
N GLN A 8 35.26 14.12 -15.67
CA GLN A 8 34.26 14.78 -16.53
C GLN A 8 32.88 14.18 -16.31
N ALA A 9 32.83 12.86 -16.08
CA ALA A 9 31.58 12.14 -15.89
C ALA A 9 30.84 12.59 -14.63
N LYS A 10 31.60 12.87 -13.58
CA LYS A 10 31.02 13.33 -12.32
C LYS A 10 30.29 14.66 -12.50
N GLU A 11 30.92 15.59 -13.23
CA GLU A 11 30.33 16.89 -13.56
C GLU A 11 29.08 16.74 -14.42
N TYR A 12 29.14 15.80 -15.37
CA TYR A 12 27.99 15.47 -16.20
C TYR A 12 26.79 15.05 -15.35
N LEU A 13 27.04 14.22 -14.35
CA LEU A 13 25.98 13.69 -13.49
C LEU A 13 25.40 14.76 -12.57
N GLU A 14 26.28 15.59 -12.01
CA GLU A 14 25.89 16.70 -11.17
C GLU A 14 24.86 17.58 -11.86
N ASN A 15 25.17 17.98 -13.10
CA ASN A 15 24.32 18.88 -13.87
CA ASN A 15 24.30 18.87 -13.85
C ASN A 15 23.03 18.20 -14.34
N LEU A 16 23.16 16.98 -14.85
CA LEU A 16 22.01 16.24 -15.36
C LEU A 16 21.00 15.91 -14.26
N ASN A 17 21.49 15.51 -13.10
CA ASN A 17 20.62 15.25 -11.96
C ASN A 17 19.74 16.45 -11.67
N LYS A 18 20.38 17.60 -11.48
CA LYS A 18 19.65 18.85 -11.20
C LYS A 18 18.67 19.22 -12.31
N GLU A 19 19.03 18.90 -13.55
CA GLU A 19 18.16 19.14 -14.69
C GLU A 19 16.91 18.23 -14.68
N LEU A 20 17.11 16.97 -14.33
CA LEU A 20 16.00 16.01 -14.25
C LEU A 20 15.02 16.40 -13.16
N ALA A 21 15.54 16.81 -12.00
CA ALA A 21 14.72 17.33 -10.92
C ALA A 21 13.80 18.45 -11.40
N LYS A 22 14.37 19.44 -12.07
CA LYS A 22 13.60 20.60 -12.51
C LYS A 22 12.59 20.19 -13.58
N ARG A 23 12.94 19.19 -14.38
CA ARG A 23 12.05 18.69 -15.42
C ARG A 23 10.91 17.85 -14.86
N THR A 24 11.22 16.98 -13.90
CA THR A 24 10.20 16.17 -13.23
C THR A 24 9.19 17.05 -12.49
N ASN A 25 9.72 18.03 -11.75
CA ASN A 25 8.90 19.01 -11.04
C ASN A 25 7.72 19.52 -11.87
N VAL A 26 7.95 19.73 -13.15
CA VAL A 26 6.93 20.26 -14.04
C VAL A 26 5.88 19.18 -14.39
N GLU A 27 6.37 17.96 -14.66
CA GLU A 27 5.49 16.82 -14.87
C GLU A 27 4.63 16.55 -13.63
N THR A 28 5.26 16.66 -12.46
CA THR A 28 4.61 16.37 -11.18
C THR A 28 3.49 17.37 -10.85
N GLU A 29 3.74 18.65 -11.10
CA GLU A 29 2.72 19.69 -10.95
C GLU A 29 1.52 19.42 -11.82
N ALA A 30 1.78 19.02 -13.06
CA ALA A 30 0.73 18.73 -14.02
C ALA A 30 -0.06 17.48 -13.61
N ALA A 31 0.63 16.51 -13.02
CA ALA A 31 0.00 15.29 -12.50
C ALA A 31 -0.84 15.61 -11.27
N TRP A 32 -0.27 16.38 -10.36
CA TRP A 32 -0.99 16.87 -9.20
C TRP A 32 -2.28 17.56 -9.62
N ALA A 33 -2.18 18.46 -10.60
CA ALA A 33 -3.34 19.22 -11.07
C ALA A 33 -4.48 18.30 -11.49
N TYR A 34 -4.13 17.22 -12.19
CA TYR A 34 -5.11 16.27 -12.68
C TYR A 34 -5.78 15.54 -11.53
N GLY A 35 -4.96 14.97 -10.64
CA GLY A 35 -5.46 14.20 -9.50
C GLY A 35 -6.35 15.00 -8.58
N SER A 36 -6.17 16.32 -8.57
CA SER A 36 -6.91 17.22 -7.69
C SER A 36 -8.15 17.77 -8.37
N ASN A 37 -8.19 17.65 -9.69
CA ASN A 37 -9.22 18.29 -10.51
C ASN A 37 -9.28 17.64 -11.88
N ILE A 38 -10.05 16.54 -11.97
CA ILE A 38 -10.08 15.73 -13.18
C ILE A 38 -10.96 16.36 -14.27
N THR A 39 -10.31 16.77 -15.36
CA THR A 39 -10.99 17.36 -16.51
C THR A 39 -10.27 16.97 -17.82
N ASP A 40 -11.00 17.01 -18.93
CA ASP A 40 -10.42 16.70 -20.23
C ASP A 40 -9.20 17.57 -20.52
N GLU A 41 -9.30 18.85 -20.15
CA GLU A 41 -8.24 19.83 -20.36
C GLU A 41 -6.97 19.50 -19.55
N ASN A 42 -7.16 19.07 -18.30
CA ASN A 42 -6.03 18.77 -17.41
C ASN A 42 -5.37 17.43 -17.72
N GLU A 43 -6.15 16.50 -18.27
CA GLU A 43 -5.63 15.21 -18.74
C GLU A 43 -4.64 15.44 -19.88
N LYS A 44 -5.10 16.20 -20.88
CA LYS A 44 -4.30 16.61 -22.03
C LYS A 44 -2.96 17.19 -21.60
N LYS A 45 -3.02 18.18 -20.71
CA LYS A 45 -1.82 18.81 -20.17
C LYS A 45 -0.90 17.77 -19.56
N LYS A 46 -1.42 17.02 -18.59
CA LYS A 46 -0.65 16.01 -17.87
C LYS A 46 0.09 15.10 -18.84
N ASN A 47 -0.65 14.51 -19.77
CA ASN A 47 -0.11 13.52 -20.69
C ASN A 47 0.90 14.11 -21.67
N GLU A 48 0.61 15.31 -22.15
CA GLU A 48 1.51 16.00 -23.06
C GLU A 48 2.85 16.34 -22.42
N ILE A 49 2.81 16.83 -21.17
CA ILE A 49 4.05 17.12 -20.40
C ILE A 49 4.93 15.86 -20.29
N SER A 50 4.31 14.74 -19.93
CA SER A 50 5.02 13.48 -19.73
C SER A 50 5.64 12.97 -21.02
N ALA A 51 4.90 13.10 -22.13
CA ALA A 51 5.43 12.81 -23.46
C ALA A 51 6.72 13.58 -23.73
N GLU A 52 6.71 14.88 -23.42
CA GLU A 52 7.89 15.74 -23.58
C GLU A 52 9.07 15.23 -22.73
N LEU A 53 8.80 14.87 -21.48
CA LEU A 53 9.83 14.35 -20.58
C LEU A 53 10.37 12.99 -21.04
N ALA A 54 9.49 12.14 -21.57
CA ALA A 54 9.91 10.86 -22.13
C ALA A 54 10.92 11.08 -23.25
N LYS A 55 10.63 12.03 -24.14
CA LYS A 55 11.54 12.40 -25.23
C LYS A 55 12.94 12.75 -24.73
N PHE A 56 13.00 13.58 -23.69
CA PHE A 56 14.26 13.94 -23.06
C PHE A 56 14.97 12.71 -22.47
N MET A 57 14.20 11.84 -21.81
CA MET A 57 14.74 10.61 -21.23
C MET A 57 15.43 9.74 -22.28
N LYS A 58 14.80 9.59 -23.45
CA LYS A 58 15.39 8.83 -24.56
C LYS A 58 16.75 9.38 -24.96
N GLU A 59 16.86 10.71 -25.03
CA GLU A 59 18.14 11.37 -25.31
C GLU A 59 19.17 11.06 -24.21
N VAL A 60 18.72 11.02 -22.96
CA VAL A 60 19.60 10.79 -21.82
C VAL A 60 20.18 9.37 -21.83
N ALA A 61 19.32 8.37 -21.99
CA ALA A 61 19.76 6.97 -22.10
C ALA A 61 20.74 6.79 -23.24
N SER A 62 20.46 7.44 -24.37
CA SER A 62 21.36 7.41 -25.51
C SER A 62 22.72 8.00 -25.14
N ASP A 63 22.71 9.17 -24.51
CA ASP A 63 23.94 9.89 -24.21
C ASP A 63 24.86 9.17 -23.23
N THR A 64 24.31 8.27 -22.41
CA THR A 64 25.13 7.53 -21.43
C THR A 64 26.11 6.57 -22.09
N THR A 65 25.78 6.13 -23.30
CA THR A 65 26.64 5.19 -24.04
C THR A 65 27.93 5.87 -24.51
N LYS A 66 27.98 7.20 -24.40
CA LYS A 66 29.20 7.96 -24.69
C LYS A 66 30.20 7.80 -23.56
N PHE A 67 29.72 7.30 -22.42
CA PHE A 67 30.57 7.13 -21.24
C PHE A 67 30.90 5.67 -21.00
N GLN A 68 32.18 5.39 -20.79
CA GLN A 68 32.64 4.04 -20.45
C GLN A 68 32.27 3.70 -19.02
N TRP A 69 30.99 3.80 -18.68
CA TRP A 69 30.60 3.86 -17.29
C TRP A 69 30.79 2.56 -16.50
N ARG A 70 30.63 1.42 -17.17
CA ARG A 70 30.89 0.10 -16.56
C ARG A 70 32.39 -0.11 -16.26
N SER A 71 33.23 0.77 -16.77
CA SER A 71 34.68 0.67 -16.58
C SER A 71 35.15 1.46 -15.37
N TYR A 72 34.23 2.17 -14.72
CA TYR A 72 34.58 3.18 -13.70
C TYR A 72 35.01 2.55 -12.37
N GLN A 73 35.89 3.26 -11.65
CA GLN A 73 36.29 2.84 -10.29
C GLN A 73 35.19 3.08 -9.26
N SER A 74 34.52 4.22 -9.36
CA SER A 74 33.57 4.64 -8.35
C SER A 74 32.27 3.86 -8.44
N GLU A 75 31.98 3.07 -7.42
CA GLU A 75 30.71 2.36 -7.32
C GLU A 75 29.56 3.32 -7.48
N ASP A 76 29.76 4.55 -6.99
CA ASP A 76 28.70 5.55 -6.90
C ASP A 76 28.32 6.10 -8.28
N LEU A 77 29.33 6.40 -9.08
CA LEU A 77 29.13 6.87 -10.45
C LEU A 77 28.49 5.78 -11.32
N LYS A 78 29.03 4.56 -11.23
CA LYS A 78 28.46 3.40 -11.93
C LYS A 78 26.99 3.21 -11.58
N ARG A 79 26.66 3.42 -10.31
CA ARG A 79 25.30 3.20 -9.85
C ARG A 79 24.35 4.27 -10.39
N GLN A 80 24.83 5.51 -10.44
CA GLN A 80 24.05 6.62 -10.97
C GLN A 80 23.77 6.46 -12.46
N PHE A 81 24.81 6.12 -13.22
CA PHE A 81 24.66 5.90 -14.64
C PHE A 81 23.68 4.76 -14.92
N LYS A 82 23.79 3.68 -14.16
CA LYS A 82 22.89 2.56 -14.30
C LYS A 82 21.42 3.01 -14.19
N ALA A 83 21.11 3.85 -13.21
CA ALA A 83 19.75 4.32 -13.01
C ALA A 83 19.24 5.13 -14.21
N LEU A 84 20.16 5.80 -14.91
CA LEU A 84 19.80 6.65 -16.05
C LEU A 84 19.46 5.86 -17.31
N THR A 85 20.11 4.72 -17.49
CA THR A 85 19.80 3.83 -18.62
C THR A 85 18.39 3.24 -18.50
N LYS A 86 17.89 3.16 -17.27
CA LYS A 86 16.59 2.58 -17.01
C LYS A 86 15.47 3.50 -17.47
N LEU A 87 14.96 3.23 -18.67
CA LEU A 87 14.05 4.15 -19.36
C LEU A 87 12.59 4.01 -18.96
N GLY A 88 12.15 2.78 -18.68
CA GLY A 88 10.74 2.52 -18.40
C GLY A 88 9.85 2.66 -19.62
N TYR A 89 8.64 3.16 -19.43
CA TYR A 89 7.71 3.38 -20.53
C TYR A 89 8.26 4.37 -21.55
N ALA A 90 9.23 5.18 -21.12
CA ALA A 90 9.82 6.19 -21.98
C ALA A 90 10.51 5.57 -23.20
N ALA A 91 10.87 4.30 -23.09
CA ALA A 91 11.56 3.59 -24.18
C ALA A 91 10.66 3.35 -25.40
N LEU A 92 9.36 3.42 -25.18
CA LEU A 92 8.38 3.26 -26.25
C LEU A 92 8.51 4.35 -27.31
N PRO A 93 8.23 4.00 -28.57
CA PRO A 93 8.14 4.99 -29.65
C PRO A 93 7.11 6.09 -29.34
N GLU A 94 7.33 7.28 -29.89
CA GLU A 94 6.53 8.46 -29.57
C GLU A 94 5.03 8.17 -29.55
N ASP A 95 4.51 7.64 -30.65
CA ASP A 95 3.08 7.37 -30.78
C ASP A 95 2.57 6.34 -29.76
N ASP A 96 3.38 5.30 -29.53
CA ASP A 96 3.05 4.23 -28.58
C ASP A 96 2.93 4.74 -27.15
N TYR A 97 3.92 5.54 -26.73
CA TYR A 97 3.90 6.12 -25.40
C TYR A 97 2.66 7.00 -25.20
N ALA A 98 2.29 7.76 -26.24
CA ALA A 98 1.08 8.60 -26.19
C ALA A 98 -0.19 7.79 -25.95
N GLU A 99 -0.31 6.65 -26.64
CA GLU A 99 -1.45 5.76 -26.47
C GLU A 99 -1.49 5.15 -25.06
N LEU A 100 -0.31 4.73 -24.56
CA LEU A 100 -0.23 4.21 -23.22
C LEU A 100 -0.76 5.22 -22.21
N LEU A 101 -0.26 6.44 -22.28
CA LEU A 101 -0.68 7.49 -21.37
C LEU A 101 -2.18 7.72 -21.40
N ASP A 102 -2.75 7.72 -22.61
CA ASP A 102 -4.20 7.91 -22.80
C ASP A 102 -5.00 6.76 -22.19
N THR A 103 -4.41 5.57 -22.20
CA THR A 103 -5.04 4.39 -21.62
C THR A 103 -5.04 4.46 -20.09
N LEU A 104 -3.85 4.70 -19.51
CA LEU A 104 -3.69 4.84 -18.06
C LEU A 104 -4.69 5.82 -17.45
N SER A 105 -4.89 6.96 -18.12
CA SER A 105 -5.75 8.01 -17.57
C SER A 105 -7.22 7.72 -17.84
N ALA A 106 -7.50 6.99 -18.91
CA ALA A 106 -8.86 6.51 -19.17
C ALA A 106 -9.31 5.58 -18.05
N MET A 107 -8.40 4.72 -17.58
CA MET A 107 -8.69 3.82 -16.47
C MET A 107 -8.76 4.59 -15.14
N GLU A 108 -7.62 5.13 -14.70
CA GLU A 108 -7.55 5.93 -13.47
C GLU A 108 -8.74 6.91 -13.33
N SER A 109 -9.14 7.56 -14.42
CA SER A 109 -10.30 8.48 -14.37
C SER A 109 -11.63 7.75 -14.21
N ASN A 110 -11.83 6.70 -15.00
CA ASN A 110 -13.03 5.86 -14.88
C ASN A 110 -13.25 5.42 -13.42
N PHE A 111 -12.19 4.91 -12.79
CA PHE A 111 -12.24 4.49 -11.39
C PHE A 111 -12.71 5.61 -10.47
N ALA A 112 -12.08 6.78 -10.60
CA ALA A 112 -12.36 7.90 -9.71
C ALA A 112 -13.74 8.48 -9.95
N LYS A 113 -14.33 8.15 -11.11
CA LYS A 113 -15.62 8.73 -11.53
C LYS A 113 -16.82 7.82 -11.25
N VAL A 114 -16.57 6.69 -10.58
CA VAL A 114 -17.62 5.71 -10.33
C VAL A 114 -18.71 6.23 -9.37
N LYS A 115 -19.96 6.02 -9.75
CA LYS A 115 -21.11 6.46 -8.95
C LYS A 115 -22.22 5.42 -9.06
N VAL A 116 -22.77 5.02 -7.91
CA VAL A 116 -23.82 4.01 -7.89
C VAL A 116 -25.09 4.59 -7.31
N CYS A 117 -26.21 3.90 -7.52
CA CYS A 117 -27.47 4.32 -6.94
C CYS A 117 -27.66 3.75 -5.54
N ASP A 118 -28.47 4.44 -4.74
CA ASP A 118 -28.76 4.01 -3.36
C ASP A 118 -29.52 2.68 -3.35
N TYR A 119 -29.11 1.78 -2.45
CA TYR A 119 -29.79 0.50 -2.26
C TYR A 119 -31.26 0.70 -1.88
N LYS A 120 -31.52 1.69 -1.03
CA LYS A 120 -32.88 1.98 -0.56
C LYS A 120 -33.62 2.94 -1.49
N ASP A 121 -32.85 3.70 -2.28
CA ASP A 121 -33.44 4.70 -3.18
C ASP A 121 -32.74 4.74 -4.54
N SER A 122 -33.44 4.29 -5.57
CA SER A 122 -32.89 4.30 -6.94
C SER A 122 -32.94 5.70 -7.60
N THR A 123 -33.49 6.69 -6.87
CA THR A 123 -33.39 8.10 -7.27
C THR A 123 -32.00 8.67 -6.95
N LYS A 124 -31.57 8.51 -5.70
CA LYS A 124 -30.28 9.05 -5.25
C LYS A 124 -29.11 8.22 -5.82
N CYS A 125 -28.51 8.70 -6.91
CA CYS A 125 -27.49 7.91 -7.64
C CYS A 125 -26.09 8.56 -7.65
N ASP A 126 -25.79 9.38 -6.65
CA ASP A 126 -24.51 10.09 -6.60
C ASP A 126 -23.57 9.54 -5.52
N LEU A 127 -23.68 8.24 -5.26
CA LEU A 127 -22.89 7.60 -4.22
C LEU A 127 -21.54 7.15 -4.76
N ALA A 128 -20.47 7.63 -4.15
CA ALA A 128 -19.12 7.30 -4.60
C ALA A 128 -18.43 6.35 -3.63
N LEU A 129 -17.40 5.65 -4.09
CA LEU A 129 -16.64 4.76 -3.23
C LEU A 129 -16.20 5.47 -1.95
N ASP A 130 -15.62 6.65 -2.11
CA ASP A 130 -15.21 7.47 -0.97
C ASP A 130 -16.06 8.74 -0.93
N PRO A 131 -16.93 8.86 0.10
CA PRO A 131 -17.01 7.93 1.21
C PRO A 131 -18.32 7.10 1.27
N GLU A 132 -19.27 7.37 0.38
CA GLU A 132 -20.62 6.77 0.48
C GLU A 132 -20.62 5.23 0.52
N ILE A 133 -19.93 4.60 -0.44
CA ILE A 133 -19.96 3.14 -0.58
C ILE A 133 -19.10 2.44 0.48
N GLU A 134 -17.89 2.95 0.71
CA GLU A 134 -17.00 2.36 1.72
C GLU A 134 -17.58 2.42 3.14
N GLU A 135 -18.47 3.39 3.37
CA GLU A 135 -19.17 3.50 4.65
C GLU A 135 -20.12 2.32 4.87
N VAL A 136 -20.83 1.92 3.82
CA VAL A 136 -21.76 0.79 3.90
C VAL A 136 -20.99 -0.53 4.04
N ILE A 137 -20.01 -0.75 3.18
CA ILE A 137 -19.18 -1.95 3.24
C ILE A 137 -18.54 -2.18 4.63
N SER A 138 -18.29 -1.11 5.36
CA SER A 138 -17.60 -1.20 6.65
C SER A 138 -18.54 -1.30 7.87
N LYS A 139 -19.84 -1.04 7.66
CA LYS A 139 -20.75 -0.86 8.80
C LYS A 139 -22.09 -1.61 8.69
N SER A 140 -22.55 -1.84 7.47
CA SER A 140 -23.77 -2.61 7.27
C SER A 140 -23.56 -4.07 7.60
N ARG A 141 -24.59 -4.69 8.17
CA ARG A 141 -24.60 -6.14 8.39
C ARG A 141 -25.77 -6.80 7.66
N ASP A 142 -26.44 -6.03 6.80
CA ASP A 142 -27.41 -6.59 5.86
C ASP A 142 -26.64 -7.21 4.70
N HIS A 143 -26.49 -8.53 4.74
CA HIS A 143 -25.61 -9.24 3.81
C HIS A 143 -26.03 -9.02 2.35
N GLU A 144 -27.34 -8.81 2.14
CA GLU A 144 -27.85 -8.62 0.79
C GLU A 144 -27.60 -7.22 0.24
N GLU A 145 -27.86 -6.20 1.06
CA GLU A 145 -27.34 -4.86 0.79
C GLU A 145 -25.82 -4.87 0.49
N LEU A 146 -25.05 -5.54 1.35
CA LEU A 146 -23.59 -5.66 1.13
C LEU A 146 -23.28 -6.18 -0.27
N ALA A 147 -23.97 -7.24 -0.68
CA ALA A 147 -23.77 -7.85 -2.00
C ALA A 147 -24.17 -6.91 -3.15
N TYR A 148 -25.28 -6.19 -2.96
CA TYR A 148 -25.74 -5.23 -3.96
C TYR A 148 -24.68 -4.20 -4.28
N TYR A 149 -24.11 -3.60 -3.23
CA TYR A 149 -23.07 -2.61 -3.43
C TYR A 149 -21.82 -3.21 -4.03
N TRP A 150 -21.48 -4.43 -3.62
CA TRP A 150 -20.31 -5.14 -4.18
C TRP A 150 -20.44 -5.27 -5.70
N ARG A 151 -21.66 -5.60 -6.15
CA ARG A 151 -21.91 -5.90 -7.55
C ARG A 151 -21.84 -4.62 -8.38
N GLU A 152 -22.59 -3.60 -7.96
CA GLU A 152 -22.64 -2.34 -8.67
C GLU A 152 -21.24 -1.74 -8.84
N PHE A 153 -20.44 -1.81 -7.78
CA PHE A 153 -19.11 -1.24 -7.82
C PHE A 153 -18.20 -1.95 -8.81
N TYR A 154 -18.18 -3.29 -8.75
CA TYR A 154 -17.26 -4.08 -9.59
C TYR A 154 -17.65 -4.02 -11.05
N ASP A 155 -18.93 -4.00 -11.33
CA ASP A 155 -19.41 -3.86 -12.69
C ASP A 155 -18.89 -2.56 -13.30
N LYS A 156 -18.82 -1.50 -12.47
CA LYS A 156 -18.49 -0.15 -12.95
C LYS A 156 -16.99 0.19 -12.91
N ALA A 157 -16.30 -0.27 -11.87
CA ALA A 157 -14.89 0.06 -11.69
C ALA A 157 -13.99 -1.00 -12.31
N GLY A 158 -14.57 -2.15 -12.66
CA GLY A 158 -13.78 -3.29 -13.10
C GLY A 158 -14.10 -3.69 -14.53
N THR A 159 -15.35 -4.06 -14.76
CA THR A 159 -15.76 -4.61 -16.04
C THR A 159 -15.77 -3.58 -17.19
N ALA A 160 -15.94 -2.30 -16.84
CA ALA A 160 -16.01 -1.25 -17.86
C ALA A 160 -14.65 -0.98 -18.55
N VAL A 161 -13.56 -1.27 -17.86
CA VAL A 161 -12.23 -0.98 -18.41
C VAL A 161 -11.48 -2.22 -18.91
N ARG A 162 -12.23 -3.26 -19.30
CA ARG A 162 -11.62 -4.50 -19.80
C ARG A 162 -10.71 -4.24 -21.01
N SER A 163 -11.28 -3.63 -22.06
CA SER A 163 -10.55 -3.40 -23.32
C SER A 163 -9.34 -2.50 -23.12
N GLN A 164 -9.55 -1.40 -22.38
CA GLN A 164 -8.44 -0.53 -21.97
C GLN A 164 -7.33 -1.31 -21.26
N PHE A 165 -7.72 -2.16 -20.33
CA PHE A 165 -6.74 -2.94 -19.58
C PHE A 165 -5.94 -3.88 -20.50
N GLU A 166 -6.64 -4.47 -21.49
CA GLU A 166 -6.00 -5.35 -22.47
C GLU A 166 -4.88 -4.66 -23.23
N ARG A 167 -5.18 -3.48 -23.77
CA ARG A 167 -4.17 -2.67 -24.46
C ARG A 167 -3.03 -2.27 -23.52
N TYR A 168 -3.38 -1.95 -22.27
CA TYR A 168 -2.39 -1.59 -21.25
C TYR A 168 -1.35 -2.71 -21.02
N VAL A 169 -1.81 -3.96 -20.99
CA VAL A 169 -0.89 -5.10 -20.80
C VAL A 169 0.03 -5.27 -22.01
N GLU A 170 -0.53 -5.10 -23.22
CA GLU A 170 0.23 -5.11 -24.47
C GLU A 170 1.37 -4.09 -24.49
N LEU A 171 1.06 -2.87 -24.06
CA LEU A 171 2.03 -1.79 -24.11
C LEU A 171 3.05 -1.87 -22.98
N ASN A 172 2.61 -2.33 -21.82
CA ASN A 172 3.52 -2.57 -20.72
C ASN A 172 4.54 -3.63 -21.11
N THR A 173 4.06 -4.64 -21.83
CA THR A 173 4.90 -5.75 -22.26
C THR A 173 5.89 -5.28 -23.31
N LYS A 174 5.40 -4.49 -24.26
CA LYS A 174 6.25 -3.94 -25.30
C LYS A 174 7.34 -3.06 -24.69
N ALA A 175 6.95 -2.16 -23.78
CA ALA A 175 7.89 -1.28 -23.10
C ALA A 175 8.95 -2.07 -22.35
N ALA A 176 8.52 -3.11 -21.67
CA ALA A 176 9.40 -3.93 -20.86
C ALA A 176 10.47 -4.59 -21.73
N LYS A 177 10.05 -5.07 -22.90
CA LYS A 177 10.94 -5.76 -23.83
C LYS A 177 11.95 -4.79 -24.46
N LEU A 178 11.51 -3.55 -24.70
CA LEU A 178 12.40 -2.52 -25.24
C LEU A 178 13.53 -2.18 -24.28
N ASN A 179 13.33 -2.52 -23.02
CA ASN A 179 14.38 -2.40 -22.00
C ASN A 179 15.09 -3.72 -21.79
N ASN A 180 14.76 -4.71 -22.62
CA ASN A 180 15.32 -6.08 -22.58
C ASN A 180 15.07 -6.83 -21.25
N PHE A 181 13.95 -6.49 -20.60
CA PHE A 181 13.32 -7.35 -19.60
C PHE A 181 12.39 -8.30 -20.32
N THR A 182 12.09 -9.45 -19.71
CA THR A 182 11.18 -10.43 -20.32
C THR A 182 9.75 -9.88 -20.37
N SER A 183 9.31 -9.28 -19.28
CA SER A 183 7.99 -8.64 -19.21
C SER A 183 7.98 -7.60 -18.10
N GLY A 184 6.80 -7.04 -17.84
CA GLY A 184 6.63 -6.03 -16.79
C GLY A 184 6.88 -6.54 -15.38
N ALA A 185 6.64 -7.84 -15.18
CA ALA A 185 7.01 -8.51 -13.93
C ALA A 185 8.49 -8.31 -13.60
N GLU A 186 9.35 -8.57 -14.58
CA GLU A 186 10.80 -8.52 -14.35
C GLU A 186 11.26 -7.06 -14.26
N ALA A 187 10.50 -6.17 -14.90
CA ALA A 187 10.71 -4.73 -14.81
C ALA A 187 10.48 -4.27 -13.38
N TRP A 188 9.25 -4.51 -12.89
CA TRP A 188 8.92 -4.22 -11.50
C TRP A 188 9.92 -4.84 -10.51
N LEU A 189 10.21 -6.12 -10.68
CA LEU A 189 11.11 -6.82 -9.77
C LEU A 189 12.53 -6.28 -9.76
N ASP A 190 12.90 -5.51 -10.79
CA ASP A 190 14.24 -4.94 -10.87
C ASP A 190 14.45 -3.93 -9.75
N GLU A 191 13.35 -3.31 -9.32
CA GLU A 191 13.38 -2.30 -8.27
C GLU A 191 13.93 -2.82 -6.94
N TYR A 192 14.06 -4.16 -6.81
CA TYR A 192 14.47 -4.76 -5.54
C TYR A 192 15.92 -5.28 -5.56
N GLU A 193 16.58 -5.19 -6.72
CA GLU A 193 18.02 -5.48 -6.85
C GLU A 193 18.44 -6.84 -6.26
N ASP A 194 17.62 -7.87 -6.49
CA ASP A 194 17.88 -9.18 -5.93
C ASP A 194 17.24 -10.25 -6.80
N ASP A 195 18.06 -11.10 -7.41
CA ASP A 195 17.56 -12.08 -8.40
C ASP A 195 16.77 -13.27 -7.79
N THR A 196 16.69 -13.32 -6.45
CA THR A 196 15.87 -14.35 -5.78
C THR A 196 14.66 -13.76 -5.01
N PHE A 197 14.42 -12.47 -5.17
CA PHE A 197 13.38 -11.78 -4.40
C PHE A 197 12.01 -12.53 -4.39
N GLU A 198 11.63 -13.11 -5.52
CA GLU A 198 10.38 -13.85 -5.58
C GLU A 198 10.39 -15.04 -4.62
N GLN A 199 11.47 -15.83 -4.68
CA GLN A 199 11.61 -17.01 -3.83
C GLN A 199 11.57 -16.61 -2.36
N GLN A 200 12.39 -15.64 -1.99
CA GLN A 200 12.43 -15.13 -0.62
C GLN A 200 11.02 -14.85 -0.08
N LEU A 201 10.19 -14.18 -0.88
CA LEU A 201 8.82 -13.91 -0.47
C LEU A 201 8.00 -15.18 -0.33
N GLU A 202 8.07 -16.08 -1.32
CA GLU A 202 7.37 -17.38 -1.24
C GLU A 202 7.72 -18.08 0.08
N ASP A 203 9.01 -18.11 0.41
CA ASP A 203 9.47 -18.73 1.66
C ASP A 203 8.84 -18.07 2.90
N ILE A 204 8.92 -16.75 2.96
CA ILE A 204 8.35 -16.01 4.10
C ILE A 204 6.84 -16.24 4.23
N PHE A 205 6.11 -16.08 3.11
CA PHE A 205 4.69 -16.35 3.12
C PHE A 205 4.40 -17.76 3.63
N ALA A 206 5.18 -18.72 3.15
CA ALA A 206 5.04 -20.12 3.59
C ALA A 206 5.08 -20.28 5.13
N ASP A 207 6.03 -19.61 5.79
CA ASP A 207 6.12 -19.64 7.27
C ASP A 207 4.92 -18.96 7.94
N ILE A 208 4.41 -17.92 7.32
CA ILE A 208 3.32 -17.15 7.91
C ILE A 208 1.96 -17.79 7.64
N ARG A 209 1.86 -18.54 6.54
CA ARG A 209 0.56 -19.03 6.05
C ARG A 209 -0.29 -19.77 7.11
N PRO A 210 0.32 -20.73 7.85
CA PRO A 210 -0.44 -21.49 8.85
C PRO A 210 -1.21 -20.57 9.82
N LEU A 211 -0.52 -19.58 10.36
CA LEU A 211 -1.18 -18.55 11.18
C LEU A 211 -2.38 -17.91 10.47
N TYR A 212 -2.22 -17.55 9.20
CA TYR A 212 -3.33 -16.97 8.46
C TYR A 212 -4.49 -17.94 8.36
N GLN A 213 -4.16 -19.21 8.07
CA GLN A 213 -5.15 -20.29 8.01
C GLN A 213 -6.05 -20.31 9.26
N GLN A 214 -5.43 -20.20 10.42
CA GLN A 214 -6.14 -20.23 11.70
C GLN A 214 -7.07 -19.04 11.88
N ILE A 215 -6.58 -17.84 11.52
CA ILE A 215 -7.38 -16.62 11.61
C ILE A 215 -8.57 -16.73 10.67
N HIS A 216 -8.32 -17.22 9.47
CA HIS A 216 -9.36 -17.47 8.49
C HIS A 216 -10.44 -18.40 9.08
N GLY A 217 -10.00 -19.53 9.64
CA GLY A 217 -10.92 -20.53 10.20
C GLY A 217 -11.79 -19.96 11.30
N TYR A 218 -11.15 -19.26 12.24
CA TYR A 218 -11.85 -18.67 13.38
C TYR A 218 -12.87 -17.59 12.95
N VAL A 219 -12.47 -16.73 12.01
CA VAL A 219 -13.34 -15.66 11.51
C VAL A 219 -14.58 -16.24 10.81
N ARG A 220 -14.37 -17.29 10.00
CA ARG A 220 -15.48 -17.99 9.32
C ARG A 220 -16.44 -18.59 10.34
N PHE A 221 -15.86 -19.23 11.36
CA PHE A 221 -16.62 -19.78 12.48
C PHE A 221 -17.53 -18.72 13.12
N ARG A 222 -16.95 -17.55 13.42
CA ARG A 222 -17.68 -16.49 14.08
C ARG A 222 -18.74 -15.85 13.18
N LEU A 223 -18.43 -15.76 11.88
CA LEU A 223 -19.37 -15.18 10.91
C LEU A 223 -20.61 -16.06 10.72
N ARG A 224 -20.42 -17.38 10.85
CA ARG A 224 -21.53 -18.34 10.78
C ARG A 224 -22.55 -18.10 11.87
N LYS A 225 -22.08 -17.86 13.08
CA LYS A 225 -22.96 -17.57 14.22
C LYS A 225 -23.74 -16.28 13.99
N HIS A 226 -23.13 -15.32 13.31
CA HIS A 226 -23.77 -14.03 13.06
C HIS A 226 -24.79 -14.07 11.90
N TYR A 227 -24.38 -14.60 10.75
CA TYR A 227 -25.23 -14.54 9.55
C TYR A 227 -26.08 -15.81 9.34
N GLY A 228 -25.62 -16.92 9.89
CA GLY A 228 -26.26 -18.20 9.67
C GLY A 228 -25.51 -19.04 8.65
N ASP A 229 -25.82 -20.33 8.60
CA ASP A 229 -25.13 -21.24 7.70
C ASP A 229 -25.61 -21.13 6.24
N ALA A 230 -26.79 -20.50 6.05
CA ALA A 230 -27.29 -20.18 4.70
C ALA A 230 -26.41 -19.18 3.96
N VAL A 231 -25.78 -18.26 4.70
CA VAL A 231 -24.89 -17.26 4.13
C VAL A 231 -23.42 -17.68 4.19
N VAL A 232 -23.02 -18.34 5.27
CA VAL A 232 -21.62 -18.78 5.42
C VAL A 232 -21.52 -20.30 5.62
N SER A 233 -20.82 -20.96 4.72
CA SER A 233 -20.59 -22.39 4.87
C SER A 233 -19.36 -22.65 5.75
N GLU A 234 -19.29 -23.82 6.35
CA GLU A 234 -18.17 -24.17 7.23
C GLU A 234 -16.92 -24.50 6.42
N THR A 235 -17.11 -25.09 5.25
CA THR A 235 -16.00 -25.67 4.49
C THR A 235 -15.66 -24.87 3.24
N GLY A 236 -16.51 -23.90 2.92
CA GLY A 236 -16.29 -23.08 1.72
C GLY A 236 -15.48 -21.81 2.00
N PRO A 237 -15.00 -21.15 0.92
CA PRO A 237 -14.38 -19.83 1.04
C PRO A 237 -15.37 -18.83 1.60
N ILE A 238 -14.86 -17.84 2.32
CA ILE A 238 -15.72 -16.83 2.94
C ILE A 238 -16.25 -15.87 1.88
N PRO A 239 -17.57 -15.66 1.84
CA PRO A 239 -18.15 -14.63 0.97
C PRO A 239 -17.55 -13.25 1.29
N MET A 240 -16.79 -12.70 0.35
CA MET A 240 -15.85 -11.60 0.65
C MET A 240 -16.51 -10.31 1.14
N HIS A 241 -17.78 -10.13 0.74
CA HIS A 241 -18.51 -8.91 1.02
C HIS A 241 -18.89 -8.77 2.50
N LEU A 242 -18.64 -9.82 3.27
CA LEU A 242 -18.94 -9.80 4.70
C LEU A 242 -17.72 -9.41 5.55
N LEU A 243 -16.58 -9.18 4.90
CA LEU A 243 -15.31 -8.96 5.62
C LEU A 243 -15.00 -7.49 5.93
N GLY A 244 -15.98 -6.62 5.70
CA GLY A 244 -15.87 -5.23 6.15
C GLY A 244 -15.18 -4.31 5.16
N ASN A 245 -14.65 -4.90 4.09
CA ASN A 245 -13.76 -4.20 3.17
C ASN A 245 -14.01 -4.61 1.71
N MET A 246 -13.90 -3.64 0.79
CA MET A 246 -14.35 -3.82 -0.60
C MET A 246 -13.52 -4.85 -1.35
N TRP A 247 -12.33 -5.11 -0.85
CA TRP A 247 -11.40 -6.00 -1.51
C TRP A 247 -10.94 -7.05 -0.51
N ALA A 248 -11.50 -6.97 0.70
CA ALA A 248 -11.23 -7.94 1.76
C ALA A 248 -9.73 -8.04 2.07
N GLN A 249 -9.01 -6.93 1.90
CA GLN A 249 -7.57 -6.89 2.14
C GLN A 249 -7.26 -6.80 3.63
N GLN A 250 -8.16 -6.16 4.38
CA GLN A 250 -8.07 -6.05 5.84
CA GLN A 250 -8.08 -6.09 5.83
C GLN A 250 -9.48 -6.21 6.44
N TRP A 251 -9.56 -6.91 7.58
CA TRP A 251 -10.86 -7.26 8.16
C TRP A 251 -11.16 -6.56 9.48
N SER A 252 -10.39 -5.53 9.81
CA SER A 252 -10.55 -4.88 11.12
C SER A 252 -11.92 -4.23 11.34
N GLU A 253 -12.66 -3.99 10.25
CA GLU A 253 -13.98 -3.34 10.35
C GLU A 253 -15.07 -4.21 10.95
N ILE A 254 -14.89 -5.53 10.89
CA ILE A 254 -15.85 -6.44 11.49
C ILE A 254 -15.32 -7.08 12.79
N ALA A 255 -14.41 -6.38 13.46
CA ALA A 255 -13.84 -6.88 14.69
C ALA A 255 -14.87 -6.96 15.81
N ASP A 256 -15.91 -6.14 15.72
CA ASP A 256 -16.95 -6.11 16.75
C ASP A 256 -17.77 -7.40 16.78
N ILE A 257 -17.67 -8.21 15.73
CA ILE A 257 -18.46 -9.45 15.68
C ILE A 257 -17.64 -10.73 15.66
N VAL A 258 -16.33 -10.62 15.47
CA VAL A 258 -15.47 -11.80 15.44
C VAL A 258 -14.32 -11.73 16.46
N SER A 259 -14.45 -10.85 17.44
CA SER A 259 -13.39 -10.69 18.46
C SER A 259 -13.43 -11.78 19.54
N PRO A 260 -12.23 -12.30 19.91
CA PRO A 260 -12.07 -13.42 20.84
C PRO A 260 -12.86 -13.29 22.15
N PHE A 261 -12.93 -12.09 22.71
CA PHE A 261 -13.63 -11.85 23.97
C PHE A 261 -14.55 -10.66 23.87
N PRO A 262 -15.80 -10.88 23.41
CA PRO A 262 -16.77 -9.82 23.08
C PRO A 262 -17.23 -9.01 24.29
N GLU A 263 -16.98 -9.51 25.49
CA GLU A 263 -17.38 -8.81 26.70
C GLU A 263 -16.22 -8.00 27.32
N LYS A 264 -15.04 -8.08 26.69
CA LYS A 264 -13.89 -7.28 27.08
C LYS A 264 -13.67 -6.12 26.09
N PRO A 265 -12.87 -5.11 26.48
CA PRO A 265 -12.71 -3.90 25.66
C PRO A 265 -12.15 -4.19 24.26
N LEU A 266 -12.79 -3.59 23.26
CA LEU A 266 -12.26 -3.61 21.91
C LEU A 266 -12.04 -2.18 21.40
N VAL A 267 -10.79 -1.88 21.04
CA VAL A 267 -10.37 -0.50 20.76
C VAL A 267 -10.96 0.03 19.45
N ASP A 268 -11.72 1.11 19.55
CA ASP A 268 -12.33 1.76 18.39
C ASP A 268 -12.54 3.24 18.71
N VAL A 269 -11.49 4.03 18.54
CA VAL A 269 -11.45 5.39 19.06
C VAL A 269 -12.16 6.45 18.18
N SER A 270 -12.84 5.98 17.14
CA SER A 270 -13.52 6.88 16.18
C SER A 270 -14.55 7.80 16.85
N ALA A 271 -15.36 7.22 17.73
CA ALA A 271 -16.45 7.96 18.40
C ALA A 271 -15.92 9.02 19.37
N GLU A 272 -14.75 8.77 19.95
CA GLU A 272 -14.10 9.71 20.88
C GLU A 272 -13.43 10.84 20.13
N MET A 273 -12.84 10.52 18.99
CA MET A 273 -12.30 11.52 18.08
C MET A 273 -13.38 12.54 17.72
N GLU A 274 -14.55 12.05 17.33
CA GLU A 274 -15.68 12.92 16.99
C GLU A 274 -16.18 13.74 18.18
N LYS A 275 -16.30 13.08 19.32
CA LYS A 275 -16.75 13.73 20.56
C LYS A 275 -15.81 14.86 21.01
N GLN A 276 -14.51 14.68 20.78
CA GLN A 276 -13.53 15.68 21.16
C GLN A 276 -13.30 16.70 20.04
N GLY A 277 -14.10 16.63 18.98
CA GLY A 277 -14.09 17.63 17.91
C GLY A 277 -12.83 17.61 17.05
N TYR A 278 -12.35 16.42 16.72
CA TYR A 278 -11.21 16.26 15.82
C TYR A 278 -11.53 16.76 14.41
N THR A 279 -10.49 17.24 13.75
CA THR A 279 -10.58 17.63 12.35
C THR A 279 -9.45 16.98 11.57
N PRO A 280 -9.59 16.91 10.25
CA PRO A 280 -8.47 16.51 9.43
C PRO A 280 -7.20 17.29 9.80
N LEU A 281 -7.33 18.61 9.97
CA LEU A 281 -6.17 19.46 10.32
C LEU A 281 -5.50 19.05 11.63
N LYS A 282 -6.32 18.79 12.65
CA LYS A 282 -5.85 18.27 13.93
C LYS A 282 -5.05 16.97 13.76
N MET A 283 -5.63 16.01 13.02
CA MET A 283 -5.02 14.70 12.81
C MET A 283 -3.63 14.78 12.18
N PHE A 284 -3.48 15.64 11.17
CA PHE A 284 -2.20 15.85 10.54
C PHE A 284 -1.19 16.52 11.47
N GLN A 285 -1.67 17.48 12.28
CA GLN A 285 -0.82 18.16 13.25
C GLN A 285 -0.29 17.20 14.30
N MET A 286 -1.08 16.16 14.58
CA MET A 286 -0.69 15.11 15.52
C MET A 286 0.36 14.21 14.91
N GLY A 287 0.15 13.85 13.64
CA GLY A 287 1.14 13.11 12.88
C GLY A 287 2.47 13.84 12.91
N ASP A 288 2.43 15.12 12.54
CA ASP A 288 3.60 15.99 12.60
C ASP A 288 4.28 15.92 13.97
N ASP A 289 3.47 15.99 15.02
CA ASP A 289 3.99 15.95 16.38
C ASP A 289 4.75 14.65 16.66
N PHE A 290 4.18 13.53 16.22
CA PHE A 290 4.82 12.23 16.41
C PHE A 290 6.23 12.25 15.84
N PHE A 291 6.36 12.73 14.61
CA PHE A 291 7.64 12.73 13.92
C PHE A 291 8.64 13.64 14.61
N THR A 292 8.22 14.86 14.94
CA THR A 292 9.11 15.82 15.58
C THR A 292 9.50 15.36 16.99
N SER A 293 8.61 14.58 17.62
CA SER A 293 8.87 14.05 18.96
C SER A 293 10.01 13.04 18.94
N MET A 294 10.24 12.46 17.77
CA MET A 294 11.32 11.49 17.58
C MET A 294 12.61 12.13 17.07
N ASN A 295 12.69 13.46 17.16
CA ASN A 295 13.81 14.22 16.60
C ASN A 295 13.91 14.10 15.08
N LEU A 296 12.78 13.83 14.42
CA LEU A 296 12.71 13.87 12.98
C LEU A 296 12.17 15.22 12.51
N THR A 297 11.99 15.37 11.20
CA THR A 297 11.82 16.69 10.60
C THR A 297 10.38 17.21 10.65
N LYS A 298 10.24 18.45 11.10
CA LYS A 298 8.99 19.18 11.05
C LYS A 298 8.49 19.32 9.63
N LEU A 299 7.19 19.18 9.43
CA LEU A 299 6.57 19.49 8.15
C LEU A 299 6.82 20.97 7.80
N PRO A 300 7.30 21.22 6.57
CA PRO A 300 7.55 22.58 6.10
C PRO A 300 6.27 23.36 5.85
N GLN A 301 6.40 24.67 5.64
CA GLN A 301 5.25 25.55 5.48
C GLN A 301 4.51 25.30 4.15
N ASP A 302 5.24 24.87 3.12
CA ASP A 302 4.67 24.52 1.82
C ASP A 302 3.66 23.38 1.92
N PHE A 303 3.86 22.50 2.90
CA PHE A 303 2.97 21.37 3.08
C PHE A 303 1.56 21.82 3.48
N TRP A 304 1.50 22.77 4.41
CA TRP A 304 0.23 23.21 4.94
C TRP A 304 -0.50 24.11 3.94
N ASP A 305 0.26 24.85 3.14
CA ASP A 305 -0.31 25.79 2.18
C ASP A 305 -0.97 25.07 1.01
N LYS A 306 -0.31 24.02 0.53
CA LYS A 306 -0.59 23.46 -0.78
C LYS A 306 -1.33 22.13 -0.74
N SER A 307 -1.37 21.49 0.43
CA SER A 307 -1.99 20.17 0.57
C SER A 307 -3.50 20.21 0.42
N ILE A 308 -4.07 19.07 0.03
CA ILE A 308 -5.51 18.87 0.12
C ILE A 308 -5.80 17.77 1.12
N ILE A 309 -6.43 18.13 2.24
CA ILE A 309 -6.62 17.20 3.35
C ILE A 309 -8.11 16.94 3.66
N GLU A 310 -8.99 17.53 2.87
CA GLU A 310 -10.41 17.22 2.91
C GLU A 310 -10.93 17.01 1.49
N LYS A 311 -12.00 16.25 1.35
CA LYS A 311 -12.68 16.15 0.06
C LYS A 311 -13.34 17.49 -0.26
N PRO A 312 -12.98 18.09 -1.41
CA PRO A 312 -13.56 19.35 -1.85
C PRO A 312 -15.08 19.25 -2.05
N THR A 313 -15.78 20.36 -1.85
CA THR A 313 -17.26 20.32 -1.82
C THR A 313 -17.93 20.96 -3.06
N ASP A 314 -17.13 21.46 -3.99
CA ASP A 314 -17.61 21.71 -5.36
C ASP A 314 -17.83 20.36 -6.07
N GLY A 315 -18.66 20.34 -7.11
CA GLY A 315 -19.06 19.07 -7.76
C GLY A 315 -17.92 18.28 -8.43
N ARG A 316 -16.68 18.75 -8.26
CA ARG A 316 -15.55 18.27 -9.05
C ARG A 316 -15.30 16.78 -8.90
N ASP A 317 -14.78 16.16 -9.96
CA ASP A 317 -14.21 14.82 -9.88
C ASP A 317 -12.75 14.90 -9.46
N LEU A 318 -12.28 13.88 -8.75
CA LEU A 318 -10.87 13.79 -8.37
C LEU A 318 -10.51 12.39 -7.89
N VAL A 319 -9.22 12.10 -7.85
CA VAL A 319 -8.72 10.87 -7.26
C VAL A 319 -8.64 11.04 -5.74
N CYS A 320 -9.55 10.36 -5.04
CA CYS A 320 -9.62 10.42 -3.58
C CYS A 320 -8.68 9.43 -2.85
N HIS A 321 -8.14 8.46 -3.57
CA HIS A 321 -7.22 7.52 -2.94
C HIS A 321 -6.00 8.25 -2.39
N ALA A 322 -5.73 8.04 -1.10
CA ALA A 322 -4.67 8.80 -0.40
C ALA A 322 -3.32 8.70 -1.09
N SER A 323 -2.65 9.85 -1.26
CA SER A 323 -1.36 9.90 -1.94
C SER A 323 -0.43 10.97 -1.37
N ALA A 324 0.88 10.77 -1.54
CA ALA A 324 1.90 11.72 -1.07
C ALA A 324 2.86 12.09 -2.21
N TRP A 325 3.10 13.39 -2.37
CA TRP A 325 3.78 13.89 -3.56
C TRP A 325 5.08 14.61 -3.24
N ASP A 326 6.15 14.26 -3.95
CA ASP A 326 7.43 14.94 -3.85
C ASP A 326 7.64 15.74 -5.13
N PHE A 327 8.08 17.00 -4.99
CA PHE A 327 8.20 17.89 -6.16
C PHE A 327 9.64 18.21 -6.54
N TYR A 328 10.59 17.65 -5.79
CA TYR A 328 12.00 17.61 -6.20
C TYR A 328 12.69 18.97 -6.17
N LEU A 329 12.15 19.89 -5.39
CA LEU A 329 12.85 21.14 -5.10
C LEU A 329 13.44 21.05 -3.68
N THR A 330 13.26 22.10 -2.90
CA THR A 330 13.48 22.02 -1.46
C THR A 330 12.16 22.26 -0.75
N ASP A 331 11.76 21.31 0.11
CA ASP A 331 10.63 21.50 1.03
C ASP A 331 9.24 21.59 0.39
N ASP A 332 9.16 21.38 -0.92
CA ASP A 332 7.84 21.30 -1.56
C ASP A 332 7.36 19.87 -1.61
N VAL A 333 6.60 19.50 -0.59
CA VAL A 333 6.04 18.17 -0.47
C VAL A 333 4.57 18.33 -0.06
N ARG A 334 3.72 17.41 -0.50
CA ARG A 334 2.27 17.54 -0.28
C ARG A 334 1.61 16.20 -0.01
N ILE A 335 0.40 16.24 0.52
CA ILE A 335 -0.46 15.07 0.59
C ILE A 335 -1.82 15.43 0.02
N LYS A 336 -2.40 14.49 -0.72
CA LYS A 336 -3.80 14.56 -1.06
C LYS A 336 -4.52 13.39 -0.39
N GLN A 337 -5.45 13.72 0.50
CA GLN A 337 -6.25 12.73 1.21
C GLN A 337 -7.66 13.25 1.44
N CYS A 338 -8.66 12.44 1.11
CA CYS A 338 -10.05 12.80 1.39
C CYS A 338 -10.44 12.36 2.82
N THR A 339 -9.95 13.12 3.80
CA THR A 339 -9.83 12.63 5.19
C THR A 339 -11.16 12.60 5.94
N ARG A 340 -11.42 11.46 6.58
CA ARG A 340 -12.55 11.32 7.50
C ARG A 340 -12.04 11.17 8.93
N VAL A 341 -12.93 11.37 9.90
CA VAL A 341 -12.55 11.32 11.32
C VAL A 341 -12.82 9.92 11.92
N THR A 342 -11.87 9.00 11.66
CA THR A 342 -11.98 7.63 12.14
C THR A 342 -10.61 7.11 12.54
N GLN A 343 -10.60 6.00 13.30
CA GLN A 343 -9.36 5.40 13.79
C GLN A 343 -8.45 4.94 12.65
N ASP A 344 -9.04 4.35 11.61
CA ASP A 344 -8.27 3.89 10.45
C ASP A 344 -7.66 5.06 9.69
N GLN A 345 -8.44 6.12 9.56
CA GLN A 345 -7.98 7.33 8.87
C GLN A 345 -6.78 7.96 9.58
N LEU A 346 -6.76 7.87 10.91
CA LEU A 346 -5.61 8.36 11.68
C LEU A 346 -4.35 7.55 11.36
N PHE A 347 -4.52 6.26 11.09
CA PHE A 347 -3.40 5.41 10.67
C PHE A 347 -2.95 5.77 9.26
N THR A 348 -3.90 5.96 8.36
CA THR A 348 -3.62 6.41 7.00
C THR A 348 -2.79 7.70 7.01
N VAL A 349 -3.22 8.69 7.81
CA VAL A 349 -2.50 9.96 7.92
C VAL A 349 -1.03 9.75 8.28
N HIS A 350 -0.78 8.85 9.22
CA HIS A 350 0.58 8.54 9.64
C HIS A 350 1.35 7.80 8.56
N HIS A 351 0.64 6.97 7.80
CA HIS A 351 1.23 6.28 6.67
C HIS A 351 1.73 7.28 5.64
N GLU A 352 0.88 8.24 5.29
CA GLU A 352 1.21 9.23 4.27
C GLU A 352 2.32 10.17 4.72
N LEU A 353 2.31 10.54 6.00
CA LEU A 353 3.37 11.38 6.55
C LEU A 353 4.69 10.61 6.64
N GLY A 354 4.60 9.29 6.57
CA GLY A 354 5.78 8.45 6.45
C GLY A 354 6.47 8.65 5.11
N HIS A 355 5.67 8.78 4.05
CA HIS A 355 6.20 9.10 2.73
C HIS A 355 6.83 10.49 2.74
N ILE A 356 6.10 11.47 3.25
CA ILE A 356 6.58 12.85 3.32
C ILE A 356 7.92 12.97 4.05
N GLN A 357 8.04 12.29 5.18
CA GLN A 357 9.29 12.31 5.94
C GLN A 357 10.44 11.75 5.11
N TYR A 358 10.15 10.72 4.32
CA TYR A 358 11.16 10.14 3.44
C TYR A 358 11.65 11.17 2.42
N PHE A 359 10.70 11.77 1.69
CA PHE A 359 11.00 12.89 0.79
C PHE A 359 11.99 13.86 1.44
N LEU A 360 11.60 14.41 2.60
CA LEU A 360 12.41 15.42 3.27
C LEU A 360 13.78 14.90 3.66
N GLN A 361 13.86 13.62 4.03
CA GLN A 361 15.08 13.06 4.58
C GLN A 361 16.17 12.93 3.53
N TYR A 362 15.77 12.63 2.29
CA TYR A 362 16.72 12.43 1.18
C TYR A 362 16.71 13.53 0.09
N GLN A 363 15.98 14.62 0.35
CA GLN A 363 15.85 15.70 -0.66
C GLN A 363 17.19 16.35 -1.01
N HIS A 364 18.22 16.08 -0.21
CA HIS A 364 19.56 16.60 -0.48
C HIS A 364 20.35 15.65 -1.37
N GLN A 365 19.79 14.48 -1.65
CA GLN A 365 20.43 13.48 -2.50
C GLN A 365 20.34 13.89 -3.96
N PRO A 366 21.27 13.40 -4.82
CA PRO A 366 21.08 13.52 -6.26
C PRO A 366 19.71 13.01 -6.69
N PHE A 367 19.17 13.59 -7.76
CA PHE A 367 17.85 13.21 -8.25
C PHE A 367 17.61 11.68 -8.29
N VAL A 368 18.57 10.95 -8.85
CA VAL A 368 18.41 9.49 -9.03
C VAL A 368 18.40 8.69 -7.71
N TYR A 369 18.77 9.34 -6.60
CA TYR A 369 18.73 8.71 -5.30
C TYR A 369 17.55 9.19 -4.45
N ARG A 370 16.83 10.19 -4.96
CA ARG A 370 15.67 10.70 -4.27
C ARG A 370 14.46 9.77 -4.47
N THR A 371 14.59 8.56 -3.92
CA THR A 371 13.47 7.60 -3.84
C THR A 371 13.79 6.53 -2.80
N GLY A 372 12.86 5.61 -2.57
CA GLY A 372 13.05 4.54 -1.55
C GLY A 372 14.28 3.67 -1.80
N ALA A 373 14.81 3.06 -0.74
CA ALA A 373 15.85 2.02 -0.89
C ALA A 373 15.34 0.87 -1.78
N ASN A 374 14.11 0.42 -1.51
CA ASN A 374 13.27 -0.22 -2.52
C ASN A 374 11.81 0.12 -2.19
N PRO A 375 10.89 -0.06 -3.15
CA PRO A 375 9.54 0.46 -2.94
C PRO A 375 8.93 0.05 -1.60
N GLY A 376 9.23 -1.16 -1.13
CA GLY A 376 8.74 -1.62 0.16
C GLY A 376 9.11 -0.69 1.32
N PHE A 377 10.36 -0.22 1.35
CA PHE A 377 10.82 0.71 2.39
C PHE A 377 9.91 1.94 2.48
N HIS A 378 9.63 2.57 1.34
CA HIS A 378 8.81 3.78 1.35
C HIS A 378 7.46 3.52 2.02
N GLU A 379 6.93 2.32 1.82
CA GLU A 379 5.62 1.98 2.33
C GLU A 379 5.61 1.69 3.83
N ALA A 380 6.75 1.24 4.34
CA ALA A 380 6.87 0.81 5.73
C ALA A 380 6.87 1.98 6.72
N VAL A 381 7.51 3.09 6.32
CA VAL A 381 7.87 4.16 7.26
C VAL A 381 6.68 4.62 8.11
N GLY A 382 5.58 4.97 7.44
CA GLY A 382 4.38 5.45 8.12
C GLY A 382 3.79 4.39 9.02
N ASP A 383 3.78 3.15 8.54
CA ASP A 383 3.18 2.03 9.27
C ASP A 383 3.89 1.74 10.59
N VAL A 384 5.21 1.93 10.62
CA VAL A 384 5.99 1.74 11.85
C VAL A 384 5.47 2.62 12.97
N LEU A 385 5.10 3.86 12.64
CA LEU A 385 4.51 4.77 13.64
C LEU A 385 3.06 4.39 13.94
N SER A 386 2.29 4.05 12.90
CA SER A 386 0.89 3.63 13.08
C SER A 386 0.76 2.43 14.01
N LEU A 387 1.80 1.58 14.03
CA LEU A 387 1.84 0.46 14.97
C LEU A 387 1.84 0.95 16.41
N SER A 388 2.69 1.94 16.71
CA SER A 388 2.70 2.60 18.00
C SER A 388 1.36 3.28 18.28
N VAL A 389 0.92 4.13 17.35
CA VAL A 389 -0.33 4.88 17.51
C VAL A 389 -1.51 3.96 17.85
N SER A 390 -1.48 2.73 17.31
CA SER A 390 -2.58 1.78 17.51
C SER A 390 -2.56 1.12 18.90
N THR A 391 -1.45 1.22 19.62
CA THR A 391 -1.34 0.61 20.95
C THR A 391 -2.21 1.34 21.97
N PRO A 392 -2.80 0.58 22.93
CA PRO A 392 -3.51 1.21 24.04
C PRO A 392 -2.62 2.16 24.83
N LYS A 393 -1.36 1.77 25.05
CA LYS A 393 -0.38 2.66 25.65
C LYS A 393 -0.51 4.08 25.09
N HIS A 394 -0.39 4.20 23.77
CA HIS A 394 -0.42 5.52 23.12
C HIS A 394 -1.80 6.14 23.10
N LEU A 395 -2.82 5.35 22.82
CA LEU A 395 -4.18 5.86 22.71
C LEU A 395 -4.70 6.37 24.05
N GLU A 396 -4.20 5.80 25.14
CA GLU A 396 -4.47 6.31 26.48
C GLU A 396 -3.81 7.67 26.70
N LYS A 397 -2.59 7.82 26.17
CA LYS A 397 -1.81 9.07 26.30
C LYS A 397 -2.52 10.26 25.69
N ILE A 398 -3.04 10.10 24.48
CA ILE A 398 -3.68 11.20 23.75
C ILE A 398 -5.17 11.31 24.08
N GLY A 399 -5.61 10.53 25.08
CA GLY A 399 -6.91 10.71 25.69
C GLY A 399 -8.07 10.20 24.84
N LEU A 400 -7.79 9.23 23.97
CA LEU A 400 -8.82 8.66 23.10
C LEU A 400 -9.32 7.31 23.61
N LEU A 401 -8.51 6.64 24.41
CA LEU A 401 -8.90 5.39 25.05
C LEU A 401 -9.13 5.61 26.55
N LYS A 402 -10.35 5.34 26.99
CA LYS A 402 -10.75 5.62 28.37
C LYS A 402 -11.16 4.35 29.11
N ASP A 403 -10.79 4.29 30.40
CA ASP A 403 -11.20 3.20 31.31
C ASP A 403 -10.77 1.81 30.82
N TYR A 404 -9.53 1.73 30.32
CA TYR A 404 -9.02 0.51 29.68
C TYR A 404 -8.28 -0.36 30.69
N VAL A 405 -8.71 -1.62 30.80
CA VAL A 405 -8.05 -2.60 31.66
C VAL A 405 -7.33 -3.62 30.80
N ARG A 406 -6.00 -3.62 30.86
CA ARG A 406 -5.19 -4.48 29.98
C ARG A 406 -4.93 -5.86 30.59
N ASP A 407 -5.96 -6.70 30.62
CA ASP A 407 -5.78 -8.09 31.04
C ASP A 407 -5.48 -9.01 29.85
N ASP A 408 -5.22 -10.28 30.14
CA ASP A 408 -4.87 -11.27 29.11
C ASP A 408 -5.90 -11.31 27.99
N GLU A 409 -7.16 -11.19 28.36
CA GLU A 409 -8.25 -11.25 27.39
C GLU A 409 -8.28 -10.01 26.50
N ALA A 410 -8.13 -8.83 27.10
CA ALA A 410 -8.05 -7.57 26.34
C ALA A 410 -6.84 -7.57 25.40
N ARG A 411 -5.72 -8.15 25.83
CA ARG A 411 -4.52 -8.22 25.01
C ARG A 411 -4.76 -9.05 23.75
N ILE A 412 -5.46 -10.18 23.91
CA ILE A 412 -5.82 -11.04 22.77
C ILE A 412 -6.73 -10.32 21.78
N ASN A 413 -7.72 -9.59 22.30
CA ASN A 413 -8.60 -8.78 21.44
C ASN A 413 -7.81 -7.80 20.58
N GLN A 414 -6.76 -7.23 21.17
CA GLN A 414 -5.92 -6.25 20.49
C GLN A 414 -5.03 -6.92 19.44
N LEU A 415 -4.40 -8.03 19.82
CA LEU A 415 -3.55 -8.79 18.90
C LEU A 415 -4.34 -9.25 17.69
N PHE A 416 -5.56 -9.74 17.95
CA PHE A 416 -6.45 -10.17 16.89
C PHE A 416 -6.83 -9.01 15.97
N LEU A 417 -7.10 -7.86 16.57
CA LEU A 417 -7.46 -6.66 15.80
C LEU A 417 -6.34 -6.27 14.84
N THR A 418 -5.11 -6.25 15.35
CA THR A 418 -3.91 -6.00 14.54
C THR A 418 -3.72 -7.07 13.45
N ALA A 419 -3.96 -8.33 13.80
CA ALA A 419 -3.89 -9.43 12.85
C ALA A 419 -4.88 -9.30 11.69
N LEU A 420 -6.11 -8.87 11.99
CA LEU A 420 -7.13 -8.62 10.95
C LEU A 420 -6.66 -7.54 9.97
N ASP A 421 -5.63 -6.78 10.39
CA ASP A 421 -4.96 -5.79 9.53
C ASP A 421 -3.70 -6.37 8.92
N LYS A 422 -2.76 -6.79 9.76
CA LYS A 422 -1.39 -7.08 9.33
C LYS A 422 -1.19 -8.47 8.70
N ILE A 423 -1.91 -9.48 9.19
CA ILE A 423 -1.78 -10.84 8.65
C ILE A 423 -2.74 -11.10 7.46
N VAL A 424 -4.04 -10.87 7.69
CA VAL A 424 -5.04 -10.96 6.62
C VAL A 424 -4.53 -10.39 5.31
N PHE A 425 -4.05 -9.16 5.35
CA PHE A 425 -3.45 -8.47 4.18
C PHE A 425 -2.44 -9.28 3.34
N LEU A 426 -1.52 -10.00 3.98
CA LEU A 426 -0.39 -10.61 3.24
C LEU A 426 -0.79 -11.47 2.01
N PRO A 427 -1.77 -12.37 2.15
CA PRO A 427 -2.12 -13.14 0.96
C PRO A 427 -2.84 -12.28 -0.09
N PHE A 428 -3.41 -11.16 0.35
CA PHE A 428 -4.00 -10.22 -0.59
C PHE A 428 -2.92 -9.54 -1.41
N ALA A 429 -1.96 -8.90 -0.73
CA ALA A 429 -0.83 -8.23 -1.39
C ALA A 429 -0.20 -9.15 -2.42
N PHE A 430 -0.02 -10.42 -2.08
CA PHE A 430 0.64 -11.34 -3.00
C PHE A 430 -0.17 -11.51 -4.27
N THR A 431 -1.45 -11.89 -4.13
CA THR A 431 -2.27 -12.15 -5.30
C THR A 431 -2.30 -10.95 -6.25
N MET A 432 -2.37 -9.74 -5.69
CA MET A 432 -2.39 -8.52 -6.50
C MET A 432 -1.37 -8.54 -7.64
N ASP A 433 -0.09 -8.70 -7.31
CA ASP A 433 0.94 -8.71 -8.33
C ASP A 433 1.12 -10.09 -8.99
N LYS A 434 0.88 -11.16 -8.23
CA LYS A 434 0.88 -12.51 -8.80
C LYS A 434 -0.03 -12.62 -10.03
N TYR A 435 -1.22 -12.02 -9.92
CA TYR A 435 -2.15 -11.99 -11.05
C TYR A 435 -1.56 -11.22 -12.20
N ARG A 436 -1.23 -9.95 -11.94
CA ARG A 436 -0.64 -9.08 -12.97
C ARG A 436 0.65 -9.67 -13.59
N TRP A 437 1.57 -10.17 -12.74
CA TRP A 437 2.78 -10.86 -13.23
C TRP A 437 2.42 -11.89 -14.27
N SER A 438 1.45 -12.75 -13.94
CA SER A 438 1.01 -13.82 -14.86
C SER A 438 0.41 -13.31 -16.18
N LEU A 439 -0.22 -12.13 -16.15
CA LEU A 439 -0.67 -11.51 -17.40
C LEU A 439 0.50 -10.90 -18.19
N PHE A 440 1.41 -10.23 -17.48
CA PHE A 440 2.61 -9.64 -18.10
C PHE A 440 3.46 -10.71 -18.78
N ARG A 441 3.58 -11.86 -18.12
CA ARG A 441 4.44 -12.94 -18.61
C ARG A 441 3.74 -13.78 -19.69
N GLY A 442 2.48 -13.44 -19.99
CA GLY A 442 1.71 -14.13 -21.02
C GLY A 442 1.33 -15.56 -20.65
N GLU A 443 1.11 -15.80 -19.36
CA GLU A 443 0.85 -17.14 -18.87
C GLU A 443 -0.64 -17.48 -18.80
N VAL A 444 -1.49 -16.50 -19.07
CA VAL A 444 -2.93 -16.74 -19.08
C VAL A 444 -3.51 -16.31 -20.42
N ASP A 445 -4.24 -17.19 -21.08
CA ASP A 445 -4.99 -16.81 -22.29
C ASP A 445 -6.04 -15.77 -21.97
N LYS A 446 -6.25 -14.83 -22.88
CA LYS A 446 -7.20 -13.74 -22.68
C LYS A 446 -8.60 -14.24 -22.32
N ALA A 447 -8.98 -15.41 -22.82
CA ALA A 447 -10.30 -15.98 -22.55
C ALA A 447 -10.45 -16.45 -21.09
N ASN A 448 -9.33 -16.48 -20.36
CA ASN A 448 -9.32 -16.97 -18.97
C ASN A 448 -9.03 -15.90 -17.92
N TRP A 449 -8.95 -14.64 -18.35
CA TRP A 449 -8.29 -13.58 -17.55
C TRP A 449 -8.96 -13.29 -16.21
N ASN A 450 -10.28 -13.35 -16.19
CA ASN A 450 -11.02 -12.98 -15.01
C ASN A 450 -11.04 -14.04 -13.92
N CYS A 451 -11.28 -15.29 -14.30
CA CYS A 451 -11.34 -16.37 -13.31
C CYS A 451 -9.93 -16.74 -12.83
N ALA A 452 -8.93 -16.41 -13.64
CA ALA A 452 -7.56 -16.55 -13.22
C ALA A 452 -7.30 -15.59 -12.07
N PHE A 453 -8.08 -14.50 -12.02
CA PHE A 453 -8.01 -13.56 -10.91
C PHE A 453 -8.60 -14.19 -9.64
N TRP A 454 -9.86 -14.65 -9.75
CA TRP A 454 -10.55 -15.21 -8.62
C TRP A 454 -9.99 -16.57 -8.15
N LYS A 455 -9.33 -17.30 -9.04
CA LYS A 455 -8.62 -18.52 -8.65
C LYS A 455 -7.56 -18.20 -7.61
N LEU A 456 -6.84 -17.11 -7.83
CA LEU A 456 -5.72 -16.71 -6.97
C LEU A 456 -6.24 -16.21 -5.61
N ARG A 457 -7.33 -15.44 -5.67
CA ARG A 457 -8.02 -14.95 -4.49
C ARG A 457 -8.51 -16.11 -3.63
N ASP A 458 -9.08 -17.12 -4.27
CA ASP A 458 -9.41 -18.40 -3.61
C ASP A 458 -8.12 -19.05 -3.03
N GLU A 459 -7.20 -19.42 -3.89
CA GLU A 459 -6.07 -20.26 -3.48
C GLU A 459 -5.30 -19.68 -2.29
N TYR A 460 -5.13 -18.36 -2.26
CA TYR A 460 -4.25 -17.74 -1.27
C TYR A 460 -4.99 -17.17 -0.07
N SER A 461 -6.18 -16.63 -0.31
CA SER A 461 -6.88 -15.88 0.72
C SER A 461 -8.10 -16.59 1.26
N GLY A 462 -8.63 -17.54 0.51
CA GLY A 462 -9.82 -18.28 0.94
C GLY A 462 -11.07 -17.44 0.91
N ILE A 463 -11.12 -16.48 0.01
CA ILE A 463 -12.30 -15.65 -0.18
C ILE A 463 -12.89 -15.80 -1.58
N GLU A 464 -14.10 -15.31 -1.77
CA GLU A 464 -14.79 -15.43 -3.05
C GLU A 464 -15.86 -14.36 -3.14
N PRO A 465 -16.24 -13.97 -4.39
CA PRO A 465 -17.31 -13.00 -4.64
C PRO A 465 -18.65 -13.40 -4.00
N PRO A 466 -19.49 -12.41 -3.69
CA PRO A 466 -20.83 -12.69 -3.21
C PRO A 466 -21.63 -13.46 -4.26
N VAL A 467 -21.60 -13.01 -5.51
CA VAL A 467 -22.38 -13.65 -6.56
C VAL A 467 -21.50 -14.30 -7.61
N VAL A 468 -22.11 -15.05 -8.53
CA VAL A 468 -21.36 -15.79 -9.54
C VAL A 468 -20.77 -14.88 -10.61
N ARG A 469 -19.46 -14.95 -10.77
CA ARG A 469 -18.77 -14.17 -11.81
C ARG A 469 -18.30 -15.08 -12.93
N SER A 470 -18.02 -14.47 -14.08
CA SER A 470 -17.59 -15.19 -15.26
C SER A 470 -16.62 -14.32 -16.03
N GLU A 471 -16.25 -14.78 -17.22
CA GLU A 471 -15.36 -14.02 -18.07
C GLU A 471 -16.13 -12.92 -18.82
N LYS A 472 -17.46 -12.88 -18.63
CA LYS A 472 -18.26 -11.71 -19.02
C LYS A 472 -17.96 -10.50 -18.11
N ASP A 473 -17.50 -10.79 -16.91
CA ASP A 473 -17.08 -9.75 -15.97
C ASP A 473 -15.56 -9.65 -15.98
N PHE A 474 -15.04 -8.49 -15.60
CA PHE A 474 -13.59 -8.31 -15.42
C PHE A 474 -13.31 -7.51 -14.16
N ASP A 475 -12.71 -8.16 -13.17
CA ASP A 475 -12.81 -7.68 -11.79
C ASP A 475 -11.57 -6.99 -11.20
N ALA A 476 -10.40 -7.33 -11.71
CA ALA A 476 -9.13 -6.87 -11.08
C ALA A 476 -9.02 -5.31 -10.94
N PRO A 477 -9.46 -4.55 -11.98
CA PRO A 477 -9.34 -3.09 -11.94
C PRO A 477 -10.31 -2.41 -10.96
N ALA A 478 -11.12 -3.21 -10.27
CA ALA A 478 -12.01 -2.67 -9.24
C ALA A 478 -11.22 -2.18 -8.03
N LYS A 479 -10.00 -2.72 -7.88
CA LYS A 479 -9.01 -2.20 -6.94
C LYS A 479 -8.30 -1.02 -7.59
N TYR A 480 -8.08 0.05 -6.81
CA TYR A 480 -7.38 1.25 -7.30
C TYR A 480 -6.04 0.94 -7.98
N HIS A 481 -5.11 0.30 -7.27
CA HIS A 481 -3.73 0.17 -7.72
C HIS A 481 -3.61 -0.60 -9.03
N ILE A 482 -4.76 -1.10 -9.50
CA ILE A 482 -4.78 -1.91 -10.70
C ILE A 482 -5.23 -1.08 -11.89
N SER A 483 -6.24 -0.23 -11.66
CA SER A 483 -6.62 0.75 -12.65
C SER A 483 -5.54 1.82 -12.83
N ALA A 484 -4.87 2.18 -11.74
CA ALA A 484 -3.87 3.23 -11.76
C ALA A 484 -2.43 2.74 -12.07
N ASP A 485 -2.27 1.44 -12.33
CA ASP A 485 -0.93 0.91 -12.69
C ASP A 485 0.11 1.28 -11.60
N VAL A 486 -0.19 0.85 -10.37
CA VAL A 486 0.75 0.97 -9.25
C VAL A 486 1.16 -0.42 -8.75
N GLU A 487 2.45 -0.76 -8.95
CA GLU A 487 3.03 -2.02 -8.41
C GLU A 487 2.58 -2.26 -6.97
N TYR A 488 2.28 -3.51 -6.63
CA TYR A 488 1.74 -3.84 -5.29
C TYR A 488 2.68 -4.61 -4.35
N LEU A 489 3.67 -5.28 -4.91
CA LEU A 489 4.57 -6.07 -4.07
C LEU A 489 5.24 -5.19 -3.00
N ARG A 490 5.27 -3.88 -3.24
CA ARG A 490 5.79 -2.91 -2.25
C ARG A 490 5.14 -3.14 -0.90
N TYR A 491 3.82 -3.30 -0.90
CA TYR A 491 3.07 -3.44 0.33
C TYR A 491 3.35 -4.75 1.05
N LEU A 492 3.57 -5.82 0.31
CA LEU A 492 3.93 -7.08 0.92
C LEU A 492 5.31 -6.93 1.57
N VAL A 493 6.27 -6.39 0.83
CA VAL A 493 7.60 -6.14 1.37
C VAL A 493 7.51 -5.27 2.61
N SER A 494 6.54 -4.35 2.59
CA SER A 494 6.36 -3.39 3.68
C SER A 494 5.95 -4.09 4.96
N PHE A 495 4.86 -4.86 4.89
CA PHE A 495 4.26 -5.54 6.04
C PHE A 495 5.21 -6.54 6.67
N ILE A 496 6.11 -7.09 5.89
CA ILE A 496 7.15 -7.94 6.44
C ILE A 496 8.19 -7.10 7.18
N ILE A 497 8.75 -6.09 6.49
CA ILE A 497 9.89 -5.34 7.04
C ILE A 497 9.49 -4.26 8.06
N GLN A 498 8.23 -3.81 8.02
CA GLN A 498 7.76 -2.84 9.00
C GLN A 498 7.83 -3.39 10.44
N PHE A 499 7.77 -4.71 10.56
CA PHE A 499 7.91 -5.33 11.86
C PHE A 499 9.37 -5.47 12.26
N GLN A 500 10.27 -5.50 11.27
CA GLN A 500 11.71 -5.53 11.57
C GLN A 500 12.14 -4.17 12.08
N PHE A 501 11.63 -3.12 11.43
CA PHE A 501 11.89 -1.75 11.84
C PHE A 501 11.34 -1.50 13.23
N TYR A 502 10.06 -1.83 13.40
CA TYR A 502 9.33 -1.60 14.64
C TYR A 502 9.95 -2.32 15.83
N LYS A 503 10.30 -3.59 15.62
CA LYS A 503 10.95 -4.37 16.68
C LYS A 503 12.23 -3.68 17.17
N SER A 504 13.07 -3.27 16.23
CA SER A 504 14.35 -2.67 16.55
C SER A 504 14.19 -1.25 17.07
N ALA A 505 13.19 -0.54 16.56
CA ALA A 505 12.84 0.78 17.07
C ALA A 505 12.46 0.66 18.54
N CYS A 506 11.56 -0.27 18.85
CA CYS A 506 11.12 -0.50 20.21
C CYS A 506 12.28 -0.85 21.16
N ILE A 507 13.19 -1.72 20.72
CA ILE A 507 14.38 -2.07 21.51
C ILE A 507 15.23 -0.83 21.81
N LYS A 508 15.45 -0.01 20.78
CA LYS A 508 16.24 1.22 20.91
C LYS A 508 15.55 2.24 21.82
N ALA A 509 14.22 2.20 21.85
CA ALA A 509 13.42 3.10 22.69
C ALA A 509 13.29 2.61 24.13
N GLY A 510 13.85 1.43 24.42
CA GLY A 510 13.70 0.79 25.72
C GLY A 510 12.26 0.37 25.99
N GLN A 511 11.54 0.05 24.91
CA GLN A 511 10.11 -0.27 24.98
C GLN A 511 9.85 -1.75 24.71
N TYR A 512 10.90 -2.50 24.38
CA TYR A 512 10.78 -3.94 24.21
C TYR A 512 11.97 -4.71 24.78
N ASP A 513 11.67 -5.60 25.71
CA ASP A 513 12.59 -6.61 26.19
C ASP A 513 11.81 -7.91 26.23
N PRO A 514 12.25 -8.92 25.46
CA PRO A 514 11.53 -10.19 25.32
C PRO A 514 11.46 -10.97 26.65
N ASP A 515 12.45 -10.78 27.51
CA ASP A 515 12.49 -11.47 28.81
C ASP A 515 11.86 -10.61 29.92
N ASN A 516 10.92 -9.75 29.55
CA ASN A 516 10.28 -8.83 30.50
C ASN A 516 8.80 -8.61 30.21
N VAL A 517 7.96 -9.15 31.08
CA VAL A 517 6.50 -9.17 30.87
C VAL A 517 5.86 -7.77 30.84
N GLU A 518 6.58 -6.78 31.37
CA GLU A 518 6.07 -5.41 31.41
C GLU A 518 6.38 -4.62 30.13
N LEU A 519 7.26 -5.18 29.29
CA LEU A 519 7.62 -4.54 28.03
C LEU A 519 7.36 -5.47 26.84
N PRO A 520 6.06 -5.67 26.50
CA PRO A 520 5.69 -6.56 25.41
C PRO A 520 5.62 -5.80 24.09
N LEU A 521 6.11 -6.44 23.01
CA LEU A 521 6.24 -5.78 21.72
C LEU A 521 4.93 -5.18 21.21
N ASP A 522 3.82 -5.81 21.55
CA ASP A 522 2.50 -5.40 21.05
C ASP A 522 1.91 -4.20 21.82
N ASN A 523 2.65 -3.70 22.80
CA ASN A 523 2.27 -2.47 23.50
C ASN A 523 3.43 -1.45 23.57
N CYS A 524 4.18 -1.36 22.47
CA CYS A 524 5.33 -0.47 22.39
C CYS A 524 4.94 0.86 21.74
N ASP A 525 5.29 1.96 22.40
CA ASP A 525 5.10 3.28 21.84
C ASP A 525 6.44 3.97 21.69
N ILE A 526 6.83 4.25 20.46
CA ILE A 526 8.12 4.90 20.20
C ILE A 526 8.01 6.42 20.22
N TYR A 527 6.80 6.94 20.43
CA TYR A 527 6.61 8.39 20.58
C TYR A 527 7.67 8.99 21.50
N GLY A 528 8.38 9.98 20.98
CA GLY A 528 9.33 10.74 21.77
C GLY A 528 10.74 10.15 21.86
N SER A 529 10.95 8.98 21.26
CA SER A 529 12.24 8.31 21.35
C SER A 529 13.23 8.89 20.35
N ALA A 530 14.31 9.48 20.88
CA ALA A 530 15.36 10.05 20.05
C ALA A 530 16.18 8.94 19.38
N ALA A 531 16.48 7.88 20.14
CA ALA A 531 17.21 6.72 19.61
C ALA A 531 16.52 6.11 18.39
N ALA A 532 15.20 6.00 18.45
CA ALA A 532 14.42 5.45 17.33
C ALA A 532 14.49 6.35 16.10
N GLY A 533 14.23 7.64 16.28
CA GLY A 533 14.32 8.61 15.19
C GLY A 533 15.72 8.69 14.58
N ALA A 534 16.74 8.53 15.44
CA ALA A 534 18.13 8.47 14.99
C ALA A 534 18.32 7.39 13.94
N ALA A 535 17.88 6.17 14.26
CA ALA A 535 17.98 5.05 13.34
C ALA A 535 17.23 5.34 12.03
N PHE A 536 16.02 5.88 12.14
CA PHE A 536 15.26 6.30 10.95
C PHE A 536 16.06 7.25 10.10
N HIS A 537 16.69 8.23 10.73
CA HIS A 537 17.49 9.22 10.01
C HIS A 537 18.63 8.55 9.24
N ASN A 538 19.42 7.72 9.93
CA ASN A 538 20.54 7.01 9.31
C ASN A 538 20.11 6.29 8.03
N MET A 539 18.92 5.70 8.08
CA MET A 539 18.42 4.94 6.96
C MET A 539 17.76 5.81 5.90
N LEU A 540 16.82 6.66 6.31
CA LEU A 540 15.98 7.42 5.37
C LEU A 540 16.78 8.44 4.56
N SER A 541 17.81 9.01 5.18
CA SER A 541 18.62 10.04 4.52
C SER A 541 19.44 9.48 3.36
N MET A 542 19.40 8.15 3.19
CA MET A 542 20.18 7.49 2.15
C MET A 542 19.45 7.46 0.81
N GLY A 543 18.12 7.53 0.85
CA GLY A 543 17.33 7.36 -0.36
C GLY A 543 17.69 6.05 -1.03
N ALA A 544 18.04 6.11 -2.31
CA ALA A 544 18.50 4.94 -3.04
C ALA A 544 20.04 4.98 -3.30
N SER A 545 20.77 5.65 -2.43
CA SER A 545 22.23 5.82 -2.66
C SER A 545 22.99 4.49 -2.68
N LYS A 546 22.56 3.56 -1.82
CA LYS A 546 23.09 2.20 -1.80
C LYS A 546 21.94 1.19 -1.99
N PRO A 547 22.28 -0.09 -2.30
CA PRO A 547 21.23 -1.14 -2.35
C PRO A 547 20.55 -1.33 -0.98
N TRP A 548 19.27 -1.73 -0.98
CA TRP A 548 18.46 -1.74 0.25
C TRP A 548 19.08 -2.52 1.44
N PRO A 549 19.78 -3.64 1.15
CA PRO A 549 20.54 -4.29 2.22
C PRO A 549 21.37 -3.31 3.08
N ASP A 550 22.07 -2.38 2.42
CA ASP A 550 22.94 -1.41 3.11
C ASP A 550 22.13 -0.38 3.91
N ALA A 551 20.88 -0.15 3.47
CA ALA A 551 19.96 0.75 4.17
C ALA A 551 19.45 0.13 5.47
N LEU A 552 19.05 -1.15 5.39
CA LEU A 552 18.59 -1.86 6.57
C LEU A 552 19.72 -2.01 7.57
N GLU A 553 20.92 -2.28 7.06
CA GLU A 553 22.09 -2.38 7.91
C GLU A 553 22.28 -1.08 8.67
N ALA A 554 21.94 0.03 8.02
CA ALA A 554 22.10 1.35 8.63
C ALA A 554 21.16 1.53 9.80
N PHE A 555 19.94 1.02 9.64
CA PHE A 555 18.90 1.14 10.66
C PHE A 555 19.21 0.29 11.89
N ASN A 556 19.43 -1.02 11.68
CA ASN A 556 19.48 -1.95 12.80
C ASN A 556 20.57 -3.04 12.69
N GLY A 557 21.51 -2.86 11.76
CA GLY A 557 22.66 -3.78 11.64
C GLY A 557 22.39 -5.06 10.86
N GLU A 558 21.17 -5.22 10.35
CA GLU A 558 20.78 -6.42 9.60
C GLU A 558 20.73 -6.17 8.10
N ARG A 559 20.87 -7.23 7.31
CA ARG A 559 20.93 -7.11 5.85
C ARG A 559 19.85 -7.94 5.14
N ILE A 560 19.09 -8.71 5.92
CA ILE A 560 18.15 -9.68 5.36
C ILE A 560 16.69 -9.34 5.64
N MET A 561 15.87 -9.40 4.61
CA MET A 561 14.41 -9.34 4.76
C MET A 561 13.92 -10.62 5.41
N SER A 562 13.27 -10.50 6.58
CA SER A 562 12.91 -11.68 7.37
C SER A 562 11.52 -11.62 7.99
N GLY A 563 10.86 -12.77 8.05
CA GLY A 563 9.53 -12.88 8.67
C GLY A 563 9.59 -13.16 10.16
N LYS A 564 10.82 -13.22 10.69
CA LYS A 564 11.07 -13.51 12.09
C LYS A 564 10.36 -12.52 13.02
N ALA A 565 10.51 -11.23 12.73
CA ALA A 565 9.95 -10.17 13.58
C ALA A 565 8.40 -10.15 13.61
N ILE A 566 7.77 -10.35 12.46
CA ILE A 566 6.30 -10.36 12.41
C ILE A 566 5.74 -11.61 13.10
N ALA A 567 6.54 -12.69 13.13
CA ALA A 567 6.15 -13.91 13.83
C ALA A 567 6.29 -13.72 15.32
N GLU A 568 7.34 -12.99 15.70
CA GLU A 568 7.64 -12.68 17.10
C GLU A 568 6.52 -11.83 17.71
N TYR A 569 6.02 -10.88 16.93
CA TYR A 569 4.94 -9.98 17.36
C TYR A 569 3.68 -10.77 17.69
N PHE A 570 3.35 -11.74 16.84
CA PHE A 570 2.06 -12.41 16.90
C PHE A 570 2.12 -13.78 17.58
N GLU A 571 3.32 -14.15 18.05
CA GLU A 571 3.51 -15.45 18.67
C GLU A 571 2.48 -15.76 19.77
N PRO A 572 2.24 -14.80 20.69
CA PRO A 572 1.21 -15.01 21.73
C PRO A 572 -0.21 -15.19 21.20
N LEU A 573 -0.53 -14.58 20.06
CA LEU A 573 -1.86 -14.78 19.45
C LEU A 573 -1.96 -16.16 18.83
N ARG A 574 -0.85 -16.64 18.25
CA ARG A 574 -0.81 -17.95 17.63
C ARG A 574 -1.11 -19.02 18.67
N VAL A 575 -0.37 -18.97 19.77
CA VAL A 575 -0.53 -19.91 20.86
C VAL A 575 -1.98 -19.98 21.31
N TRP A 576 -2.58 -18.81 21.56
CA TRP A 576 -3.97 -18.74 21.98
C TRP A 576 -4.93 -19.30 20.92
N LEU A 577 -4.72 -18.90 19.67
CA LEU A 577 -5.70 -19.13 18.61
C LEU A 577 -5.69 -20.59 18.16
N GLU A 578 -4.51 -21.22 18.19
CA GLU A 578 -4.41 -22.64 17.87
C GLU A 578 -5.21 -23.44 18.88
N ALA A 579 -5.00 -23.15 20.16
CA ALA A 579 -5.73 -23.79 21.24
C ALA A 579 -7.25 -23.54 21.11
N GLU A 580 -7.63 -22.30 20.85
CA GLU A 580 -9.03 -21.92 20.80
C GLU A 580 -9.78 -22.62 19.68
N ASN A 581 -9.13 -22.79 18.53
CA ASN A 581 -9.74 -23.48 17.41
C ASN A 581 -9.95 -24.96 17.66
N ILE A 582 -8.95 -25.60 18.28
CA ILE A 582 -9.08 -26.98 18.72
C ILE A 582 -10.22 -27.09 19.71
N LYS A 583 -10.27 -26.15 20.64
CA LYS A 583 -11.28 -26.16 21.70
C LYS A 583 -12.69 -26.13 21.11
N ASN A 584 -12.86 -25.39 20.03
CA ASN A 584 -14.17 -25.24 19.40
C ASN A 584 -14.33 -26.10 18.16
N ASN A 585 -13.39 -27.03 17.95
CA ASN A 585 -13.43 -27.91 16.79
C ASN A 585 -13.64 -27.11 15.51
N VAL A 586 -12.83 -26.07 15.35
CA VAL A 586 -12.95 -25.15 14.24
C VAL A 586 -12.33 -25.75 12.98
N HIS A 587 -13.11 -25.77 11.90
CA HIS A 587 -12.63 -26.27 10.63
C HIS A 587 -11.62 -25.32 9.97
N ILE A 588 -10.51 -25.87 9.53
CA ILE A 588 -9.45 -25.09 8.91
C ILE A 588 -9.27 -25.53 7.47
N GLY A 589 -9.04 -24.56 6.58
CA GLY A 589 -8.94 -24.84 5.14
C GLY A 589 -10.26 -24.60 4.42
N TRP A 590 -10.23 -24.67 3.10
CA TRP A 590 -11.44 -24.44 2.30
C TRP A 590 -11.43 -25.22 1.00
N THR A 591 -12.63 -25.51 0.49
CA THR A 591 -12.82 -26.14 -0.79
C THR A 591 -12.63 -25.11 -1.91
N THR A 592 -12.36 -25.60 -3.13
CA THR A 592 -12.33 -24.74 -4.32
C THR A 592 -13.68 -24.06 -4.56
N SER A 593 -13.62 -22.83 -5.08
CA SER A 593 -14.77 -21.94 -5.16
C SER A 593 -15.60 -22.18 -6.42
N ASN A 594 -16.91 -22.21 -6.27
CA ASN A 594 -17.79 -22.40 -7.42
C ASN A 594 -18.20 -21.08 -8.07
N LYS A 595 -17.48 -20.00 -7.73
CA LYS A 595 -17.99 -18.65 -7.97
C LYS A 595 -17.59 -17.95 -9.28
N CYS A 596 -16.61 -18.50 -10.00
CA CYS A 596 -16.27 -18.01 -11.34
C CYS A 596 -16.40 -19.09 -12.42
N VAL A 597 -17.46 -18.99 -13.22
CA VAL A 597 -17.74 -19.93 -14.31
C VAL A 597 -16.80 -19.71 -15.48
N SER A 598 -16.24 -20.81 -16.01
CA SER A 598 -15.45 -20.76 -17.24
C SER A 598 -16.35 -20.99 -18.47
#